data_8PH0
#
_entry.id   8PH0
#
_cell.length_a   39.460
_cell.length_b   68.020
_cell.length_c   40.290
_cell.angle_alpha   90.000
_cell.angle_beta   93.450
_cell.angle_gamma   90.000
#
_symmetry.space_group_name_H-M   'P 1 21 1'
#
loop_
_entity.id
_entity.type
_entity.pdbx_description
1 polymer 'Beta-lactamase VIM-1'
2 non-polymer 'ZINC ION'
3 non-polymer '7-[(1~{S})-1-[2-(aminomethyl)-6-oxidanylidene-5-oxa-7-azaspiro[3.4]octan-7-yl]ethyl]-3-(2-oxidanylidene-1,3-dihydroindol-5-yl)-1~{H}-indole-2-carboxylic acid'
4 water water
#
_entity_poly.entity_id   1
_entity_poly.type   'polypeptide(L)'
_entity_poly.pdbx_seq_one_letter_code
;MLKVISSLLVYMTASVMAVASPLAHSGEPSGEYPTVNEIPVGEVRLYQIADGVWSHIATQSFDGAVYPSNGLIVRDGDEL
LLIDTAWGAKNTAALLAEIEKQIGLPVTRAVSTHFHDDRVGGVDVLRAAGVATYASPSTRRLAEAEGNEIPTHSLEGLSS
SGDAVRFGPVELFYPGAAHSTDNLVVYVPSANVLYGGCAVHELSSTSAGNVADADLAEWPTSVERIQKHYPEAEVVIPGH
GLPGGLDLLQHTANVVKAHKNRSVAE
;
_entity_poly.pdbx_strand_id   A
#
loop_
_chem_comp.id
_chem_comp.type
_chem_comp.name
_chem_comp.formula
YVO non-polymer '7-[(1~{S})-1-[2-(aminomethyl)-6-oxidanylidene-5-oxa-7-azaspiro[3.4]octan-7-yl]ethyl]-3-(2-oxidanylidene-1,3-dihydroindol-5-yl)-1~{H}-indole-2-carboxylic acid' 'C26 H26 N4 O5'
ZN non-polymer 'ZINC ION' 'Zn 2'
#
# COMPACT_ATOMS: atom_id res chain seq x y z
N SER A 30 19.34 8.32 -6.83
CA SER A 30 20.43 7.53 -7.38
C SER A 30 20.65 6.18 -6.70
N GLY A 31 19.56 5.45 -6.43
N GLY A 31 19.57 5.45 -6.45
CA GLY A 31 19.62 4.13 -5.86
CA GLY A 31 19.66 4.12 -5.87
C GLY A 31 19.05 4.03 -4.46
C GLY A 31 19.14 4.01 -4.45
N GLU A 32 19.11 5.10 -3.69
CA GLU A 32 18.56 5.07 -2.34
C GLU A 32 17.05 5.07 -2.43
N TYR A 33 16.37 4.63 -1.36
CA TYR A 33 14.91 4.64 -1.41
C TYR A 33 14.45 6.10 -1.45
N PRO A 34 13.58 6.48 -2.38
CA PRO A 34 13.28 7.91 -2.49
C PRO A 34 12.38 8.43 -1.38
N THR A 35 12.63 9.66 -0.95
N THR A 35 12.45 9.73 -1.23
CA THR A 35 12.03 10.23 0.26
CA THR A 35 11.65 10.51 -0.32
C THR A 35 11.20 11.47 -0.05
C THR A 35 11.09 11.70 -1.09
N VAL A 36 10.44 11.93 0.96
N VAL A 36 10.25 12.44 -0.39
CA VAL A 36 9.37 12.91 0.73
CA VAL A 36 9.68 13.67 -0.93
C VAL A 36 9.92 14.19 0.09
C VAL A 36 10.76 14.57 -1.52
N ASN A 37 11.03 14.71 0.62
N ASN A 37 11.99 14.49 -1.02
CA ASN A 37 11.56 15.95 0.06
CA ASN A 37 13.03 15.41 -1.48
C ASN A 37 12.27 15.75 -1.28
C ASN A 37 13.64 15.03 -2.82
N GLU A 38 12.43 14.50 -1.72
N GLU A 38 13.39 13.83 -3.35
CA GLU A 38 13.08 14.18 -2.99
CA GLU A 38 14.00 13.38 -4.59
C GLU A 38 12.10 13.95 -4.13
C GLU A 38 12.97 13.03 -5.67
N ILE A 39 10.80 13.94 -3.86
N ILE A 39 11.71 13.34 -5.44
CA ILE A 39 9.78 13.73 -4.88
CA ILE A 39 10.66 13.12 -6.42
C ILE A 39 8.81 14.91 -4.89
C ILE A 39 10.26 14.50 -6.95
N PRO A 40 8.83 15.77 -5.91
N PRO A 40 10.53 14.81 -8.22
CA PRO A 40 7.81 16.82 -5.99
CA PRO A 40 10.11 16.11 -8.75
C PRO A 40 6.43 16.19 -6.16
C PRO A 40 8.61 16.31 -8.61
N VAL A 41 5.42 16.85 -5.58
N VAL A 41 8.21 17.57 -8.59
CA VAL A 41 4.07 16.35 -5.73
CA VAL A 41 6.81 17.90 -8.33
C VAL A 41 3.72 16.37 -7.22
C VAL A 41 5.91 17.21 -9.35
N GLY A 42 3.29 15.21 -7.73
N GLY A 42 4.85 16.56 -8.85
CA GLY A 42 2.93 15.03 -9.13
CA GLY A 42 3.89 15.87 -9.68
C GLY A 42 3.85 14.09 -9.90
C GLY A 42 4.36 14.55 -10.24
N GLU A 43 5.04 13.80 -9.38
N GLU A 43 5.37 13.96 -9.63
CA GLU A 43 5.99 12.91 -10.00
CA GLU A 43 6.15 12.87 -10.18
C GLU A 43 6.00 11.57 -9.26
C GLU A 43 5.95 11.61 -9.37
N VAL A 44 6.36 10.50 -9.97
CA VAL A 44 6.36 9.19 -9.34
C VAL A 44 7.71 8.52 -9.60
N ARG A 45 8.21 7.82 -8.58
N ARG A 45 8.23 7.83 -8.59
CA ARG A 45 9.42 7.04 -8.66
CA ARG A 45 9.44 7.03 -8.78
C ARG A 45 9.08 5.56 -8.45
C ARG A 45 9.14 5.58 -8.42
N LEU A 46 9.83 4.68 -9.11
CA LEU A 46 9.79 3.27 -8.85
C LEU A 46 11.10 2.84 -8.18
N TYR A 47 11.02 1.78 -7.39
CA TYR A 47 12.17 1.21 -6.70
C TYR A 47 12.09 -0.31 -6.82
N GLN A 48 13.15 -0.91 -7.37
CA GLN A 48 13.19 -2.35 -7.50
C GLN A 48 13.40 -3.00 -6.13
N ILE A 49 12.46 -3.87 -5.74
CA ILE A 49 12.52 -4.57 -4.47
C ILE A 49 13.14 -5.96 -4.61
N ALA A 50 12.76 -6.67 -5.66
CA ALA A 50 13.21 -8.04 -5.93
C ALA A 50 12.90 -8.29 -7.41
N ASP A 51 13.30 -9.45 -7.92
CA ASP A 51 12.97 -9.79 -9.30
CA ASP A 51 12.97 -9.79 -9.30
C ASP A 51 11.46 -9.73 -9.48
N GLY A 52 11.01 -8.90 -10.42
CA GLY A 52 9.60 -8.78 -10.70
C GLY A 52 8.76 -8.09 -9.64
N VAL A 53 9.38 -7.38 -8.70
CA VAL A 53 8.66 -6.65 -7.66
C VAL A 53 9.26 -5.26 -7.54
N TRP A 54 8.41 -4.23 -7.64
CA TRP A 54 8.83 -2.86 -7.44
C TRP A 54 7.86 -2.22 -6.44
N SER A 55 8.34 -1.23 -5.71
CA SER A 55 7.42 -0.30 -5.07
C SER A 55 7.32 0.95 -5.94
N HIS A 56 6.22 1.67 -5.76
CA HIS A 56 6.04 2.99 -6.35
C HIS A 56 5.89 4.00 -5.22
N ILE A 57 6.47 5.18 -5.42
CA ILE A 57 6.51 6.23 -4.41
C ILE A 57 6.05 7.54 -5.04
N ALA A 58 5.14 8.22 -4.36
CA ALA A 58 4.62 9.50 -4.83
C ALA A 58 4.41 10.38 -3.61
N THR A 59 4.17 11.67 -3.83
CA THR A 59 3.97 12.58 -2.72
CA THR A 59 3.97 12.60 -2.74
C THR A 59 2.65 13.33 -2.92
N GLN A 60 2.02 13.69 -1.82
CA GLN A 60 0.76 14.39 -1.90
C GLN A 60 0.60 15.29 -0.69
N SER A 61 -0.16 16.36 -0.89
N SER A 61 -0.15 16.37 -0.87
CA SER A 61 -0.53 17.31 0.14
CA SER A 61 -0.45 17.26 0.24
C SER A 61 -1.84 16.88 0.79
C SER A 61 -1.83 16.97 0.79
N PHE A 62 -1.92 17.01 2.12
CA PHE A 62 -3.15 16.72 2.83
C PHE A 62 -3.18 17.62 4.06
N ASP A 63 -4.23 18.42 4.19
CA ASP A 63 -4.36 19.32 5.35
C ASP A 63 -3.11 20.16 5.58
N GLY A 64 -2.50 20.59 4.47
CA GLY A 64 -1.41 21.55 4.57
C GLY A 64 -0.06 20.96 4.91
N ALA A 65 0.10 19.65 4.77
CA ALA A 65 1.40 19.02 4.93
C ALA A 65 1.63 18.04 3.78
N VAL A 66 2.89 17.75 3.51
CA VAL A 66 3.28 16.90 2.39
C VAL A 66 3.73 15.55 2.93
N TYR A 67 3.25 14.48 2.32
CA TYR A 67 3.57 13.12 2.74
C TYR A 67 3.96 12.28 1.54
N PRO A 68 4.90 11.35 1.73
CA PRO A 68 5.13 10.29 0.75
C PRO A 68 4.15 9.15 0.98
N SER A 69 4.05 8.28 -0.02
N SER A 69 3.96 8.34 -0.06
CA SER A 69 3.21 7.11 0.08
CA SER A 69 3.23 7.09 0.13
C SER A 69 3.70 6.05 -0.90
C SER A 69 3.71 6.06 -0.88
N ASN A 70 3.60 4.79 -0.50
CA ASN A 70 4.04 3.66 -1.30
C ASN A 70 2.86 2.88 -1.89
N GLY A 71 3.16 2.21 -2.99
CA GLY A 71 2.37 1.10 -3.49
C GLY A 71 3.30 0.02 -4.01
N LEU A 72 2.73 -0.99 -4.66
CA LEU A 72 3.50 -2.12 -5.16
C LEU A 72 3.14 -2.42 -6.61
N ILE A 73 4.13 -2.98 -7.32
CA ILE A 73 3.95 -3.48 -8.67
C ILE A 73 4.54 -4.87 -8.73
N VAL A 74 3.78 -5.84 -9.25
CA VAL A 74 4.25 -7.23 -9.29
C VAL A 74 4.09 -7.76 -10.70
N ARG A 75 5.17 -8.25 -11.28
N ARG A 75 5.16 -8.26 -11.27
CA ARG A 75 5.09 -8.83 -12.61
CA ARG A 75 5.09 -8.81 -12.62
C ARG A 75 4.23 -10.08 -12.58
C ARG A 75 4.25 -10.09 -12.60
N ASP A 76 3.36 -10.21 -13.60
CA ASP A 76 2.31 -11.24 -13.70
C ASP A 76 2.45 -11.77 -15.14
N GLY A 77 3.53 -12.50 -15.40
CA GLY A 77 3.83 -12.95 -16.75
C GLY A 77 4.27 -11.82 -17.66
N ASP A 78 3.52 -11.54 -18.73
CA ASP A 78 3.78 -10.34 -19.51
C ASP A 78 2.82 -9.21 -19.19
N GLU A 79 2.20 -9.25 -18.01
CA GLU A 79 1.37 -8.18 -17.50
C GLU A 79 1.85 -7.79 -16.12
N LEU A 80 1.27 -6.71 -15.58
CA LEU A 80 1.58 -6.21 -14.25
C LEU A 80 0.33 -6.15 -13.39
N LEU A 81 0.49 -6.52 -12.12
CA LEU A 81 -0.51 -6.30 -11.08
C LEU A 81 -0.07 -5.09 -10.26
N LEU A 82 -0.97 -4.13 -10.10
CA LEU A 82 -0.71 -2.93 -9.31
C LEU A 82 -1.39 -3.04 -7.95
N ILE A 83 -0.67 -2.72 -6.88
CA ILE A 83 -1.25 -2.60 -5.55
C ILE A 83 -1.24 -1.13 -5.16
N ASP A 84 -2.44 -0.56 -5.01
CA ASP A 84 -2.68 0.81 -4.56
C ASP A 84 -2.37 1.88 -5.60
N THR A 85 -3.16 2.94 -5.60
CA THR A 85 -2.90 4.08 -6.45
C THR A 85 -1.72 4.88 -5.90
N ALA A 86 -1.37 5.97 -6.59
CA ALA A 86 -0.30 6.85 -6.15
C ALA A 86 -0.83 8.10 -5.44
N TRP A 87 -2.03 8.01 -4.86
CA TRP A 87 -2.62 9.08 -4.04
C TRP A 87 -2.99 10.30 -4.87
N GLY A 88 -4.01 10.13 -5.72
CA GLY A 88 -4.54 11.21 -6.50
C GLY A 88 -4.56 10.88 -7.97
N ALA A 89 -5.47 11.53 -8.69
CA ALA A 89 -5.64 11.30 -10.12
C ALA A 89 -4.37 11.64 -10.90
N LYS A 90 -3.85 12.86 -10.72
N LYS A 90 -3.83 12.84 -10.72
CA LYS A 90 -2.66 13.25 -11.47
CA LYS A 90 -2.66 13.23 -11.50
C LYS A 90 -1.48 12.36 -11.12
C LYS A 90 -1.44 12.39 -11.12
N ASN A 91 -1.28 12.08 -9.83
CA ASN A 91 -0.19 11.19 -9.43
C ASN A 91 -0.33 9.83 -10.09
N THR A 92 -1.56 9.30 -10.17
CA THR A 92 -1.78 7.97 -10.73
C THR A 92 -1.57 7.95 -12.25
N ALA A 93 -1.95 9.03 -12.95
CA ALA A 93 -1.58 9.13 -14.36
C ALA A 93 -0.06 9.13 -14.50
N ALA A 94 0.65 9.86 -13.63
CA ALA A 94 2.10 9.88 -13.69
C ALA A 94 2.69 8.51 -13.38
N LEU A 95 2.04 7.76 -12.48
CA LEU A 95 2.46 6.39 -12.18
C LEU A 95 2.40 5.51 -13.42
N LEU A 96 1.27 5.54 -14.14
CA LEU A 96 1.18 4.73 -15.35
C LEU A 96 2.25 5.11 -16.35
N ALA A 97 2.53 6.41 -16.50
CA ALA A 97 3.57 6.84 -17.43
C ALA A 97 4.95 6.35 -16.98
N GLU A 98 5.22 6.40 -15.68
CA GLU A 98 6.51 5.92 -15.18
C GLU A 98 6.66 4.41 -15.36
N ILE A 99 5.58 3.65 -15.16
CA ILE A 99 5.62 2.22 -15.41
C ILE A 99 5.95 1.92 -16.87
N GLU A 100 5.31 2.65 -17.79
CA GLU A 100 5.56 2.40 -19.20
C GLU A 100 7.01 2.72 -19.56
N LYS A 101 7.55 3.80 -18.98
CA LYS A 101 8.94 4.19 -19.21
C LYS A 101 9.93 3.16 -18.67
N GLN A 102 9.69 2.67 -17.44
CA GLN A 102 10.70 1.90 -16.71
C GLN A 102 10.53 0.40 -16.89
N ILE A 103 9.30 -0.07 -17.17
CA ILE A 103 8.99 -1.49 -17.24
C ILE A 103 8.42 -1.89 -18.60
N GLY A 104 7.44 -1.14 -19.09
CA GLY A 104 6.98 -1.35 -20.45
C GLY A 104 6.04 -2.53 -20.63
N LEU A 105 5.42 -3.01 -19.54
CA LEU A 105 4.40 -4.04 -19.58
C LEU A 105 3.08 -3.44 -19.12
N PRO A 106 1.95 -3.92 -19.63
CA PRO A 106 0.67 -3.30 -19.30
C PRO A 106 0.19 -3.64 -17.89
N VAL A 107 -0.30 -2.62 -17.19
CA VAL A 107 -1.02 -2.83 -15.93
C VAL A 107 -2.42 -3.32 -16.28
N THR A 108 -2.77 -4.54 -15.88
CA THR A 108 -4.08 -5.06 -16.23
C THR A 108 -5.06 -5.10 -15.06
N ARG A 109 -4.56 -5.20 -13.83
CA ARG A 109 -5.41 -5.29 -12.65
C ARG A 109 -4.77 -4.47 -11.54
N ALA A 110 -5.61 -3.93 -10.67
CA ALA A 110 -5.15 -3.23 -9.48
C ALA A 110 -5.99 -3.65 -8.29
N VAL A 111 -5.35 -3.71 -7.13
CA VAL A 111 -6.01 -3.98 -5.85
C VAL A 111 -5.72 -2.80 -4.94
N SER A 112 -6.77 -2.26 -4.31
CA SER A 112 -6.63 -1.24 -3.28
C SER A 112 -6.74 -1.87 -1.90
N THR A 113 -5.79 -1.55 -1.02
CA THR A 113 -5.67 -2.26 0.26
C THR A 113 -6.47 -1.65 1.41
N HIS A 114 -6.98 -0.42 1.26
CA HIS A 114 -8.04 0.10 2.12
C HIS A 114 -8.68 1.27 1.40
N PHE A 115 -9.64 1.93 2.06
CA PHE A 115 -10.56 2.83 1.37
C PHE A 115 -10.09 4.27 1.31
N HIS A 116 -8.95 4.60 1.90
CA HIS A 116 -8.49 5.98 1.92
C HIS A 116 -7.91 6.42 0.57
N ASP A 117 -7.82 7.75 0.41
CA ASP A 117 -7.42 8.36 -0.86
C ASP A 117 -6.02 7.97 -1.31
N ASP A 118 -5.11 7.66 -0.38
CA ASP A 118 -3.78 7.18 -0.75
C ASP A 118 -3.79 5.75 -1.28
N ARG A 119 -4.95 5.11 -1.32
CA ARG A 119 -5.09 3.75 -1.83
C ARG A 119 -6.06 3.67 -3.01
N VAL A 120 -7.12 4.48 -3.00
CA VAL A 120 -8.12 4.47 -4.07
C VAL A 120 -8.14 5.76 -4.89
N GLY A 121 -7.49 6.83 -4.46
CA GLY A 121 -7.51 8.05 -5.24
C GLY A 121 -6.68 7.89 -6.48
N GLY A 122 -7.33 7.88 -7.64
CA GLY A 122 -6.71 7.45 -8.88
C GLY A 122 -7.36 6.23 -9.50
N VAL A 123 -8.30 5.60 -8.81
CA VAL A 123 -9.01 4.46 -9.36
C VAL A 123 -9.77 4.85 -10.63
N ASP A 124 -10.34 6.06 -10.67
CA ASP A 124 -11.05 6.49 -11.87
C ASP A 124 -10.09 6.59 -13.06
N VAL A 125 -8.89 7.16 -12.83
CA VAL A 125 -7.86 7.18 -13.87
C VAL A 125 -7.50 5.77 -14.33
N LEU A 126 -7.29 4.86 -13.37
CA LEU A 126 -6.94 3.48 -13.73
C LEU A 126 -8.04 2.85 -14.58
N ARG A 127 -9.30 3.02 -14.15
N ARG A 127 -9.29 2.98 -14.15
CA ARG A 127 -10.43 2.40 -14.82
CA ARG A 127 -10.37 2.34 -14.87
C ARG A 127 -10.58 2.90 -16.26
C ARG A 127 -10.48 2.87 -16.31
N ALA A 128 -10.30 4.18 -16.50
CA ALA A 128 -10.35 4.75 -17.84
C ALA A 128 -9.12 4.41 -18.68
N ALA A 129 -8.07 3.89 -18.06
CA ALA A 129 -6.92 3.37 -18.78
C ALA A 129 -7.02 1.86 -19.01
N GLY A 130 -8.18 1.27 -18.78
CA GLY A 130 -8.38 -0.15 -19.04
C GLY A 130 -7.96 -1.09 -17.93
N VAL A 131 -7.54 -0.57 -16.78
CA VAL A 131 -7.15 -1.41 -15.65
C VAL A 131 -8.41 -1.85 -14.92
N ALA A 132 -8.50 -3.14 -14.62
CA ALA A 132 -9.59 -3.67 -13.80
C ALA A 132 -9.23 -3.45 -12.34
N THR A 133 -10.08 -2.74 -11.61
CA THR A 133 -9.83 -2.35 -10.22
C THR A 133 -10.64 -3.20 -9.25
N TYR A 134 -9.98 -3.61 -8.16
CA TYR A 134 -10.54 -4.54 -7.20
C TYR A 134 -10.30 -4.03 -5.78
N ALA A 135 -11.20 -4.38 -4.87
CA ALA A 135 -11.03 -4.20 -3.44
C ALA A 135 -12.04 -5.08 -2.73
N SER A 136 -11.85 -5.30 -1.43
CA SER A 136 -12.83 -6.07 -0.67
C SER A 136 -14.16 -5.33 -0.65
N PRO A 137 -15.26 -6.05 -0.42
CA PRO A 137 -16.55 -5.36 -0.25
C PRO A 137 -16.52 -4.34 0.87
N SER A 138 -15.77 -4.63 1.94
N SER A 138 -15.79 -4.64 1.96
CA SER A 138 -15.66 -3.69 3.05
CA SER A 138 -15.68 -3.68 3.05
C SER A 138 -15.03 -2.38 2.59
C SER A 138 -15.06 -2.38 2.56
N THR A 139 -13.94 -2.47 1.84
CA THR A 139 -13.31 -1.28 1.30
C THR A 139 -14.24 -0.53 0.34
N ARG A 140 -14.95 -1.26 -0.53
CA ARG A 140 -15.83 -0.59 -1.48
C ARG A 140 -16.96 0.15 -0.76
N ARG A 141 -17.54 -0.45 0.28
N ARG A 141 -17.55 -0.46 0.27
CA ARG A 141 -18.60 0.23 1.02
CA ARG A 141 -18.60 0.21 1.03
C ARG A 141 -18.07 1.48 1.72
C ARG A 141 -18.07 1.47 1.70
N LEU A 142 -16.89 1.38 2.32
CA LEU A 142 -16.36 2.53 3.04
C LEU A 142 -15.98 3.65 2.09
N ALA A 143 -15.37 3.31 0.95
CA ALA A 143 -15.03 4.33 -0.04
C ALA A 143 -16.29 5.04 -0.53
N GLU A 144 -17.32 4.26 -0.87
CA GLU A 144 -18.56 4.86 -1.34
C GLU A 144 -19.15 5.78 -0.28
N ALA A 145 -19.18 5.34 0.98
CA ALA A 145 -19.82 6.14 2.02
C ALA A 145 -19.06 7.44 2.27
N GLU A 146 -17.73 7.42 2.12
CA GLU A 146 -16.84 8.53 2.39
C GLU A 146 -16.70 9.50 1.22
N GLY A 147 -17.17 9.13 0.04
CA GLY A 147 -16.97 9.93 -1.14
C GLY A 147 -15.64 9.75 -1.85
N ASN A 148 -14.94 8.65 -1.59
CA ASN A 148 -13.71 8.35 -2.29
C ASN A 148 -14.01 7.53 -3.53
N GLU A 149 -13.02 7.39 -4.41
CA GLU A 149 -13.23 6.63 -5.64
C GLU A 149 -13.39 5.15 -5.33
N ILE A 150 -14.15 4.46 -6.16
CA ILE A 150 -14.64 3.13 -5.79
C ILE A 150 -14.14 2.08 -6.78
N PRO A 151 -13.29 1.15 -6.36
CA PRO A 151 -12.91 0.04 -7.24
C PRO A 151 -14.12 -0.72 -7.77
N THR A 152 -13.97 -1.27 -8.98
CA THR A 152 -15.12 -1.87 -9.68
C THR A 152 -15.51 -3.24 -9.10
N HIS A 153 -14.54 -4.08 -8.76
CA HIS A 153 -14.78 -5.49 -8.50
C HIS A 153 -14.55 -5.83 -7.04
N SER A 154 -15.42 -6.66 -6.48
CA SER A 154 -15.33 -7.04 -5.08
C SER A 154 -14.47 -8.29 -4.91
N LEU A 155 -13.62 -8.26 -3.90
CA LEU A 155 -12.78 -9.40 -3.53
C LEU A 155 -13.43 -10.13 -2.35
N GLU A 156 -14.09 -11.25 -2.64
CA GLU A 156 -14.70 -12.07 -1.62
C GLU A 156 -13.65 -12.95 -0.96
N GLY A 157 -14.04 -13.64 0.09
CA GLY A 157 -13.15 -14.54 0.77
C GLY A 157 -12.16 -13.90 1.71
N LEU A 158 -12.37 -12.63 2.09
CA LEU A 158 -11.45 -11.88 2.94
C LEU A 158 -12.14 -11.24 4.14
N SER A 159 -13.35 -11.67 4.47
CA SER A 159 -14.13 -10.93 5.45
C SER A 159 -13.82 -11.29 6.91
N SER A 160 -13.11 -12.39 7.16
N SER A 160 -13.09 -12.38 7.15
CA SER A 160 -12.79 -12.81 8.51
CA SER A 160 -12.73 -12.84 8.48
C SER A 160 -11.28 -12.73 8.73
C SER A 160 -11.23 -12.67 8.71
N SER A 161 -10.86 -12.19 9.87
N SER A 161 -10.86 -12.23 9.90
CA SER A 161 -9.43 -12.07 10.12
CA SER A 161 -9.45 -12.11 10.23
C SER A 161 -8.77 -13.43 9.99
C SER A 161 -8.76 -13.46 10.01
N GLY A 162 -7.58 -13.43 9.38
CA GLY A 162 -6.87 -14.63 9.03
C GLY A 162 -7.17 -15.17 7.66
N ASP A 163 -8.18 -14.63 6.97
CA ASP A 163 -8.51 -15.06 5.62
C ASP A 163 -7.41 -14.69 4.63
N ALA A 164 -7.24 -15.55 3.63
CA ALA A 164 -6.28 -15.34 2.57
C ALA A 164 -6.84 -15.90 1.27
N VAL A 165 -6.54 -15.19 0.18
CA VAL A 165 -6.93 -15.61 -1.17
C VAL A 165 -5.78 -15.30 -2.11
N ARG A 166 -5.69 -16.08 -3.19
CA ARG A 166 -4.70 -15.80 -4.22
C ARG A 166 -5.26 -14.84 -5.27
N PHE A 167 -4.37 -13.99 -5.79
CA PHE A 167 -4.73 -13.00 -6.80
C PHE A 167 -3.49 -12.84 -7.69
N GLY A 168 -3.48 -13.51 -8.83
CA GLY A 168 -2.30 -13.48 -9.69
C GLY A 168 -1.08 -13.93 -8.91
N PRO A 169 0.00 -13.17 -9.01
CA PRO A 169 1.26 -13.56 -8.34
C PRO A 169 1.34 -13.22 -6.86
N VAL A 170 0.26 -12.82 -6.21
CA VAL A 170 0.31 -12.47 -4.80
C VAL A 170 -0.74 -13.25 -4.04
N GLU A 171 -0.59 -13.23 -2.72
CA GLU A 171 -1.61 -13.62 -1.78
C GLU A 171 -2.09 -12.37 -1.05
N LEU A 172 -3.41 -12.21 -0.97
CA LEU A 172 -4.04 -11.18 -0.17
C LEU A 172 -4.47 -11.76 1.16
N PHE A 173 -4.26 -11.00 2.23
CA PHE A 173 -4.48 -11.46 3.60
C PHE A 173 -5.19 -10.37 4.38
N TYR A 174 -6.27 -10.74 5.07
CA TYR A 174 -6.96 -9.79 5.92
C TYR A 174 -6.54 -10.05 7.36
N PRO A 175 -5.75 -9.17 8.00
CA PRO A 175 -5.23 -9.50 9.32
C PRO A 175 -6.15 -9.12 10.47
N GLY A 176 -7.25 -8.42 10.20
CA GLY A 176 -8.03 -7.78 11.23
C GLY A 176 -7.85 -6.27 11.20
N ALA A 177 -8.67 -5.59 12.00
CA ALA A 177 -8.64 -4.13 12.06
C ALA A 177 -7.31 -3.63 12.61
N ALA A 178 -6.80 -2.56 12.02
CA ALA A 178 -5.53 -1.98 12.43
C ALA A 178 -5.55 -0.50 12.10
N HIS A 179 -4.83 -0.07 11.07
CA HIS A 179 -4.92 1.30 10.60
C HIS A 179 -6.36 1.63 10.17
N SER A 180 -7.05 0.66 9.60
CA SER A 180 -8.47 0.80 9.27
C SER A 180 -9.11 -0.58 9.47
N THR A 181 -10.45 -0.62 9.46
N THR A 181 -10.45 -0.60 9.44
CA THR A 181 -11.08 -1.91 9.68
CA THR A 181 -11.17 -1.84 9.66
C THR A 181 -10.94 -2.83 8.48
C THR A 181 -11.04 -2.79 8.46
N ASP A 182 -10.75 -2.25 7.28
CA ASP A 182 -10.70 -3.01 6.04
C ASP A 182 -9.30 -3.32 5.54
N ASN A 183 -8.26 -2.94 6.25
CA ASN A 183 -6.93 -2.99 5.65
C ASN A 183 -6.49 -4.41 5.31
N LEU A 184 -5.96 -4.56 4.10
CA LEU A 184 -5.40 -5.81 3.62
C LEU A 184 -3.88 -5.72 3.51
N VAL A 185 -3.24 -6.88 3.59
N VAL A 185 -3.21 -6.85 3.68
CA VAL A 185 -1.81 -7.06 3.41
CA VAL A 185 -1.79 -6.94 3.36
C VAL A 185 -1.60 -7.95 2.19
C VAL A 185 -1.62 -7.88 2.16
N VAL A 186 -0.45 -7.79 1.54
CA VAL A 186 -0.16 -8.48 0.29
C VAL A 186 1.21 -9.16 0.41
N TYR A 187 1.27 -10.44 0.07
CA TYR A 187 2.52 -11.19 0.09
C TYR A 187 2.85 -11.68 -1.31
N VAL A 188 4.12 -11.53 -1.68
CA VAL A 188 4.62 -12.02 -2.96
C VAL A 188 5.44 -13.27 -2.67
N PRO A 189 4.87 -14.47 -2.81
CA PRO A 189 5.60 -15.67 -2.37
C PRO A 189 6.90 -15.91 -3.12
N SER A 190 6.99 -15.53 -4.40
CA SER A 190 8.20 -15.82 -5.17
C SER A 190 9.41 -15.09 -4.61
N ALA A 191 9.18 -13.99 -3.91
CA ALA A 191 10.25 -13.13 -3.42
C ALA A 191 10.23 -12.96 -1.92
N ASN A 192 9.29 -13.58 -1.22
CA ASN A 192 9.07 -13.35 0.20
C ASN A 192 9.05 -11.87 0.56
N VAL A 193 8.28 -11.11 -0.22
CA VAL A 193 8.04 -9.71 0.02
C VAL A 193 6.68 -9.53 0.66
N LEU A 194 6.65 -8.89 1.83
CA LEU A 194 5.42 -8.58 2.53
C LEU A 194 5.15 -7.09 2.41
N TYR A 195 4.07 -6.74 1.74
CA TYR A 195 3.60 -5.37 1.61
C TYR A 195 2.53 -5.17 2.66
N GLY A 196 2.88 -4.44 3.73
CA GLY A 196 1.96 -4.28 4.82
C GLY A 196 0.94 -3.18 4.62
N GLY A 197 1.14 -2.30 3.66
CA GLY A 197 0.25 -1.17 3.58
C GLY A 197 0.29 -0.35 4.86
N CYS A 198 -0.79 0.41 5.09
CA CYS A 198 -0.79 1.37 6.20
C CYS A 198 -0.94 0.72 7.57
N ALA A 199 -1.21 -0.58 7.64
CA ALA A 199 -1.15 -1.30 8.89
C ALA A 199 0.27 -1.50 9.39
N VAL A 200 1.29 -1.16 8.60
CA VAL A 200 2.67 -1.32 8.97
C VAL A 200 3.40 0.02 8.81
N HIS A 201 4.16 0.40 9.83
N HIS A 201 4.14 0.41 9.85
CA HIS A 201 4.92 1.63 9.80
CA HIS A 201 4.91 1.64 9.90
C HIS A 201 6.41 1.39 9.66
C HIS A 201 6.37 1.35 9.58
N GLU A 202 7.07 2.39 9.10
CA GLU A 202 8.51 2.34 8.90
C GLU A 202 9.24 2.44 10.25
N LEU A 203 10.48 1.95 10.25
CA LEU A 203 11.24 1.89 11.49
C LEU A 203 11.52 3.26 12.11
N SER A 204 11.71 4.29 11.30
CA SER A 204 12.02 5.60 11.87
C SER A 204 10.78 6.27 12.45
N SER A 205 9.61 5.67 12.24
N SER A 205 9.60 5.69 12.23
CA SER A 205 8.35 6.21 12.73
CA SER A 205 8.36 6.30 12.68
C SER A 205 8.38 6.38 14.24
C SER A 205 8.30 6.38 14.19
N THR A 206 8.03 7.58 14.71
CA THR A 206 7.79 7.80 16.13
C THR A 206 6.31 7.84 16.45
N SER A 207 5.46 7.71 15.44
N SER A 207 5.45 7.72 15.45
CA SER A 207 4.03 7.92 15.60
CA SER A 207 4.03 7.92 15.64
C SER A 207 3.27 6.85 14.84
C SER A 207 3.27 6.88 14.85
N ALA A 208 2.01 6.69 15.23
CA ALA A 208 1.12 5.73 14.61
C ALA A 208 0.45 6.29 13.37
N GLY A 209 0.90 7.43 12.86
CA GLY A 209 0.37 7.95 11.61
C GLY A 209 -1.02 8.55 11.76
N ASN A 210 -1.80 8.48 10.69
CA ASN A 210 -3.15 9.01 10.73
C ASN A 210 -4.07 7.93 11.28
N VAL A 211 -4.48 8.11 12.54
CA VAL A 211 -5.27 7.11 13.25
C VAL A 211 -6.76 7.40 13.22
N ALA A 212 -7.21 8.31 12.34
CA ALA A 212 -8.61 8.72 12.35
C ALA A 212 -9.57 7.53 12.29
N ASP A 213 -9.25 6.53 11.47
CA ASP A 213 -10.16 5.40 11.28
C ASP A 213 -9.59 4.10 11.84
N ALA A 214 -8.62 4.19 12.74
CA ALA A 214 -7.93 3.01 13.22
C ALA A 214 -8.64 2.38 14.40
N ASP A 215 -8.23 1.15 14.69
CA ASP A 215 -8.58 0.43 15.92
C ASP A 215 -7.28 0.15 16.67
N LEU A 216 -6.90 1.05 17.58
CA LEU A 216 -5.63 0.89 18.27
C LEU A 216 -5.63 -0.31 19.21
N ALA A 217 -6.78 -0.69 19.75
CA ALA A 217 -6.82 -1.84 20.63
C ALA A 217 -6.56 -3.14 19.88
N GLU A 218 -7.14 -3.28 18.67
CA GLU A 218 -6.98 -4.51 17.90
C GLU A 218 -5.71 -4.55 17.06
N TRP A 219 -5.14 -3.40 16.73
CA TRP A 219 -3.97 -3.33 15.86
C TRP A 219 -2.85 -4.27 16.27
N PRO A 220 -2.41 -4.33 17.53
N PRO A 220 -2.41 -4.33 17.53
CA PRO A 220 -1.33 -5.29 17.85
CA PRO A 220 -1.34 -5.30 17.87
C PRO A 220 -1.73 -6.74 17.63
C PRO A 220 -1.74 -6.74 17.57
N THR A 221 -2.99 -7.10 17.84
CA THR A 221 -3.45 -8.46 17.55
C THR A 221 -3.41 -8.73 16.05
N SER A 222 -3.79 -7.75 15.25
CA SER A 222 -3.71 -7.91 13.80
C SER A 222 -2.26 -8.04 13.32
N VAL A 223 -1.35 -7.26 13.90
CA VAL A 223 0.07 -7.42 13.55
C VAL A 223 0.58 -8.79 13.94
N GLU A 224 0.19 -9.29 15.11
N GLU A 224 0.19 -9.28 15.11
CA GLU A 224 0.61 -10.62 15.53
CA GLU A 224 0.60 -10.61 15.53
C GLU A 224 0.14 -11.67 14.51
C GLU A 224 0.14 -11.66 14.52
N ARG A 225 -1.07 -11.49 13.96
CA ARG A 225 -1.54 -12.42 12.94
C ARG A 225 -0.65 -12.37 11.70
N ILE A 226 -0.24 -11.16 11.29
CA ILE A 226 0.68 -11.03 10.16
C ILE A 226 1.98 -11.75 10.45
N GLN A 227 2.55 -11.52 11.65
CA GLN A 227 3.82 -12.13 12.00
C GLN A 227 3.71 -13.65 11.97
N LYS A 228 2.58 -14.19 12.45
CA LYS A 228 2.42 -15.64 12.50
C LYS A 228 2.23 -16.22 11.10
N HIS A 229 1.60 -15.47 10.20
CA HIS A 229 1.28 -16.02 8.89
C HIS A 229 2.43 -15.91 7.90
N TYR A 230 3.31 -14.92 8.07
CA TYR A 230 4.40 -14.66 7.14
C TYR A 230 5.76 -14.61 7.82
N PRO A 231 6.14 -15.71 8.48
CA PRO A 231 7.41 -15.71 9.25
C PRO A 231 8.66 -15.71 8.38
N GLU A 232 8.54 -16.03 7.09
N GLU A 232 8.56 -16.04 7.09
CA GLU A 232 9.67 -16.06 6.19
CA GLU A 232 9.71 -16.04 6.21
C GLU A 232 9.83 -14.78 5.37
C GLU A 232 9.81 -14.78 5.36
N ALA A 233 9.07 -13.74 5.68
CA ALA A 233 9.18 -12.49 4.93
C ALA A 233 10.61 -11.96 5.03
N GLU A 234 11.15 -11.53 3.89
CA GLU A 234 12.50 -10.97 3.83
C GLU A 234 12.51 -9.45 3.70
N VAL A 235 11.54 -8.89 3.01
CA VAL A 235 11.35 -7.46 2.87
C VAL A 235 9.94 -7.15 3.36
N VAL A 236 9.80 -6.11 4.17
CA VAL A 236 8.52 -5.63 4.64
C VAL A 236 8.40 -4.17 4.20
N ILE A 237 7.33 -3.84 3.50
CA ILE A 237 7.12 -2.52 2.93
C ILE A 237 5.96 -1.85 3.66
N PRO A 238 6.18 -0.68 4.26
CA PRO A 238 5.09 0.04 4.93
C PRO A 238 4.29 0.84 3.92
N GLY A 239 3.12 1.31 4.36
CA GLY A 239 2.30 2.13 3.50
C GLY A 239 2.91 3.47 3.20
N HIS A 240 3.74 3.99 4.11
CA HIS A 240 4.47 5.24 3.96
C HIS A 240 5.87 5.02 4.52
N GLY A 241 6.89 5.42 3.77
CA GLY A 241 8.26 5.36 4.27
C GLY A 241 9.07 4.18 3.77
N LEU A 242 10.17 3.92 4.47
CA LEU A 242 11.22 3.05 3.94
C LEU A 242 10.92 1.57 4.22
N PRO A 243 11.14 0.70 3.24
CA PRO A 243 11.12 -0.74 3.52
C PRO A 243 12.24 -1.16 4.46
N GLY A 244 12.03 -2.31 5.07
CA GLY A 244 13.04 -2.94 5.91
C GLY A 244 12.75 -4.43 6.00
N GLY A 245 13.10 -5.02 7.13
CA GLY A 245 12.84 -6.41 7.37
C GLY A 245 11.68 -6.65 8.31
N LEU A 246 11.65 -7.85 8.89
CA LEU A 246 10.54 -8.23 9.77
C LEU A 246 10.41 -7.30 10.97
N ASP A 247 11.47 -6.60 11.37
CA ASP A 247 11.39 -5.73 12.53
C ASP A 247 10.30 -4.66 12.41
N LEU A 248 9.94 -4.30 11.18
CA LEU A 248 8.88 -3.31 11.02
C LEU A 248 7.59 -3.74 11.71
N LEU A 249 7.33 -5.04 11.75
CA LEU A 249 6.09 -5.51 12.36
C LEU A 249 6.09 -5.27 13.87
N GLN A 250 7.12 -5.73 14.56
CA GLN A 250 7.18 -5.48 16.00
C GLN A 250 7.24 -3.99 16.30
N HIS A 251 8.02 -3.24 15.53
CA HIS A 251 8.06 -1.79 15.72
C HIS A 251 6.67 -1.19 15.60
N THR A 252 5.89 -1.61 14.62
CA THR A 252 4.53 -1.09 14.46
C THR A 252 3.70 -1.36 15.71
N ALA A 253 3.74 -2.59 16.22
CA ALA A 253 2.98 -2.89 17.44
C ALA A 253 3.44 -1.99 18.58
N ASN A 254 4.75 -1.74 18.68
CA ASN A 254 5.28 -0.92 19.76
C ASN A 254 4.74 0.51 19.67
N VAL A 255 4.82 1.10 18.47
CA VAL A 255 4.43 2.50 18.29
C VAL A 255 2.93 2.67 18.52
N VAL A 256 2.14 1.69 18.08
CA VAL A 256 0.70 1.78 18.27
C VAL A 256 0.34 1.67 19.75
N LYS A 257 0.94 0.70 20.44
CA LYS A 257 0.67 0.52 21.88
C LYS A 257 1.08 1.78 22.65
N ALA A 258 2.21 2.38 22.29
CA ALA A 258 2.67 3.57 23.00
C ALA A 258 1.79 4.77 22.69
N HIS A 259 1.35 4.88 21.44
CA HIS A 259 0.39 5.93 21.09
C HIS A 259 -0.86 5.80 21.94
N LYS A 260 -1.38 4.58 22.05
CA LYS A 260 -2.56 4.34 22.87
C LYS A 260 -2.30 4.65 24.34
N ASN A 261 -1.11 4.32 24.84
CA ASN A 261 -0.74 4.59 26.23
C ASN A 261 -0.73 6.09 26.53
ZN ZN B . -5.28 5.15 5.47
ZN ZN C . -1.80 5.47 4.67
C12 YVO D . -5.93 8.54 6.59
C01 YVO D . -5.17 10.01 3.09
C02 YVO D . -4.60 9.46 4.43
C04 YVO D . -6.84 10.53 5.57
C05 YVO D . -7.76 10.07 6.75
C06 YVO D . -9.13 9.68 6.32
C07 YVO D . -9.64 10.53 7.46
C08 YVO D . -10.74 11.46 6.99
C10 YVO D . -8.28 11.12 7.69
C14 YVO D . -3.58 10.23 5.04
C15 YVO D . -2.61 9.54 5.81
C17 YVO D . -1.44 8.05 6.84
C18 YVO D . -1.11 6.56 7.39
C21 YVO D . -0.81 9.22 7.08
C22 YVO D . 0.53 9.44 7.92
C23 YVO D . 1.63 8.58 7.70
C24 YVO D . 2.78 8.79 8.42
C25 YVO D . 2.80 9.88 9.35
C27 YVO D . 3.41 11.41 10.95
C29 YVO D . 2.26 11.78 10.45
C30 YVO D . 1.68 10.73 9.56
C31 YVO D . 0.53 10.54 8.86
C32 YVO D . -1.54 10.22 6.42
C33 YVO D . -1.40 11.63 6.27
C34 YVO D . -2.38 12.31 5.49
C35 YVO D . -3.47 11.62 4.90
N03 YVO D . -5.81 9.50 5.48
N09 YVO D . -11.37 12.02 8.41
N16 YVO D . -2.51 8.27 6.08
N26 YVO D . 3.92 10.40 10.33
O11 YVO D . -7.09 9.02 7.43
O13 YVO D . -5.23 7.65 6.83
O19 YVO D . -0.70 6.50 8.61
O20 YVO D . -1.47 5.55 6.70
O28 YVO D . 4.03 12.01 11.74
H013 YVO D . -4.37 10.06 2.34
H012 YVO D . -5.58 11.02 3.27
H011 YVO D . -5.98 9.34 2.74
H021 YVO D . -4.16 8.48 4.19
H041 YVO D . -7.42 10.57 4.61
H042 YVO D . -6.37 11.53 5.81
H061 YVO D . -9.34 8.70 6.45
H062 YVO D . -9.39 10.04 5.41
H071 YVO D . -9.90 9.96 8.35
H081 YVO D . -11.53 10.89 6.38
H082 YVO D . -10.33 12.33 6.36
H101 YVO D . -8.17 12.16 7.29
H102 YVO D . -7.91 10.98 8.75
H231 YVO D . 1.56 7.77 6.97
H241 YVO D . 3.63 8.16 8.28
H291 YVO D . 2.39 12.60 9.92
H292 YVO D . 1.63 11.95 11.19
H311 YVO D . -0.37 11.20 8.99
H331 YVO D . -0.51 12.20 6.76
H341 YVO D . -2.30 13.39 5.37
H351 YVO D . -4.28 12.22 4.28
H093 YVO D . -11.69 11.22 8.98
H091 YVO D . -12.16 12.64 8.22
H161 YVO D . -3.17 7.53 5.74
H261 YVO D . 4.79 10.05 10.44
H092 YVO D . -10.65 12.54 8.93
#